data_5AR7
#
_entry.id   5AR7
#
_cell.length_a   131.600
_cell.length_b   131.600
_cell.length_c   107.540
_cell.angle_alpha   90.00
_cell.angle_beta   90.00
_cell.angle_gamma   120.00
#
_symmetry.space_group_name_H-M   'P 32 2 1'
#
loop_
_entity.id
_entity.type
_entity.pdbx_description
1 polymer 'RECEPTOR-INTERACTING SERINE/THREONINE-PROTEIN KINASE 2'
2 non-polymer 1-(5-TERT-BUTYL-1,2-OXAZOL-3-YL)-3-(4-PYRIDIN-4-YLOXYPHENYL)UREA
3 water water
#
_entity_poly.entity_id   1
_entity_poly.type   'polypeptide(L)'
_entity_poly.pdbx_seq_one_letter_code
;MDYKDDDDKENLYFQGMNGEAICSALPTIPYHKLADLRYLSRGASGTVSSARHADWRVQVAVKHLHIHTPLLDSERKDVL
REAEILHKARFSYILPILGICNEPEFLGIVTEYMPNGSLNELLHRKTEYPDVAWPLRFRILHEIALGVNYLHNMTPPLLH
HDLKTQNILLDNEFHVKIADFGLSKWRMMSLSQSRSSKSAPEGGTIIYMPPENYEPGQKSRASIKHDIYSYAVITWEVLS
RKQPFEDVTNPLQIMYSVSQGHRPVINEESLPYDIPHRARMISLIESGWAQNPDERPSFLKCLIELEPVLRTFEEITFLE
AVIQLK
;
_entity_poly.pdbx_strand_id   A,B
#
# COMPACT_ATOMS: atom_id res chain seq x y z
N ILE A 22 15.50 -11.43 -11.21
CA ILE A 22 15.69 -10.79 -9.91
C ILE A 22 14.72 -11.41 -8.88
N CYS A 23 15.26 -12.28 -7.99
CA CYS A 23 14.50 -13.00 -6.97
C CYS A 23 14.54 -12.33 -5.58
N SER A 24 13.46 -12.51 -4.80
CA SER A 24 13.30 -11.96 -3.45
C SER A 24 12.81 -13.04 -2.51
N ALA A 25 13.53 -13.24 -1.41
CA ALA A 25 13.13 -14.23 -0.43
C ALA A 25 12.06 -13.65 0.50
N LEU A 26 11.01 -14.43 0.74
CA LEU A 26 9.93 -14.03 1.63
C LEU A 26 10.49 -14.13 3.06
N PRO A 27 10.49 -13.04 3.85
CA PRO A 27 11.05 -13.10 5.21
C PRO A 27 10.46 -14.21 6.08
N THR A 28 11.28 -14.77 6.97
CA THR A 28 10.87 -15.79 7.94
C THR A 28 10.73 -15.09 9.28
N ILE A 29 9.50 -15.06 9.80
CA ILE A 29 9.16 -14.38 11.05
C ILE A 29 9.17 -15.40 12.20
N PRO A 30 10.01 -15.18 13.25
CA PRO A 30 10.00 -16.10 14.39
C PRO A 30 8.77 -15.84 15.25
N TYR A 31 7.99 -16.90 15.51
CA TYR A 31 6.74 -16.92 16.27
C TYR A 31 6.73 -16.02 17.51
N HIS A 32 7.87 -15.92 18.21
CA HIS A 32 8.00 -15.11 19.42
C HIS A 32 7.93 -13.58 19.15
N LYS A 33 8.05 -13.17 17.86
CA LYS A 33 7.95 -11.76 17.42
C LYS A 33 6.49 -11.36 17.22
N LEU A 34 5.58 -12.37 17.22
CA LEU A 34 4.15 -12.16 17.03
C LEU A 34 3.41 -11.92 18.35
N ALA A 35 3.60 -10.75 18.93
CA ALA A 35 2.97 -10.33 20.18
C ALA A 35 1.42 -10.23 20.08
N ASP A 36 0.72 -10.12 21.25
CA ASP A 36 -0.74 -9.97 21.41
C ASP A 36 -1.61 -10.83 20.44
N LEU A 37 -1.18 -12.08 20.13
CA LEU A 37 -1.84 -13.00 19.19
C LEU A 37 -3.26 -13.43 19.63
N ARG A 38 -4.26 -12.56 19.35
CA ARG A 38 -5.69 -12.78 19.61
C ARG A 38 -6.34 -13.42 18.36
N TYR A 39 -7.20 -14.43 18.53
CA TYR A 39 -7.92 -15.09 17.44
C TYR A 39 -8.94 -14.12 16.81
N LEU A 40 -9.25 -14.32 15.51
CA LEU A 40 -10.23 -13.53 14.80
C LEU A 40 -11.34 -14.43 14.24
N SER A 41 -10.95 -15.46 13.43
CA SER A 41 -11.88 -16.37 12.78
C SER A 41 -11.28 -17.74 12.53
N ARG A 42 -12.09 -18.79 12.71
CA ARG A 42 -11.71 -20.19 12.53
C ARG A 42 -12.28 -20.81 11.27
N GLY A 43 -11.69 -21.93 10.86
CA GLY A 43 -12.07 -22.74 9.71
C GLY A 43 -11.59 -24.16 9.85
N ALA A 44 -12.05 -25.07 8.96
CA ALA A 44 -11.66 -26.48 8.97
C ALA A 44 -10.15 -26.69 8.61
N SER A 45 -9.62 -25.81 7.74
CA SER A 45 -8.24 -25.80 7.22
C SER A 45 -7.28 -25.05 8.17
N GLY A 46 -7.64 -23.80 8.49
CA GLY A 46 -6.84 -22.92 9.34
C GLY A 46 -7.63 -21.89 10.13
N THR A 47 -6.89 -21.03 10.82
CA THR A 47 -7.43 -19.95 11.66
C THR A 47 -6.76 -18.63 11.26
N VAL A 48 -7.44 -17.52 11.50
CA VAL A 48 -6.90 -16.20 11.26
C VAL A 48 -6.89 -15.50 12.62
N SER A 49 -5.74 -14.93 12.99
CA SER A 49 -5.54 -14.20 14.25
C SER A 49 -4.92 -12.84 13.98
N SER A 50 -5.11 -11.89 14.89
CA SER A 50 -4.52 -10.56 14.79
C SER A 50 -3.39 -10.42 15.79
N ALA A 51 -2.15 -10.38 15.29
CA ALA A 51 -0.99 -10.19 16.16
C ALA A 51 -0.50 -8.74 16.05
N ARG A 52 0.78 -8.51 16.38
CA ARG A 52 1.50 -7.23 16.40
C ARG A 52 2.98 -7.61 16.35
N HIS A 53 3.70 -7.16 15.32
CA HIS A 53 5.12 -7.48 15.19
C HIS A 53 5.88 -6.63 16.18
N ALA A 54 6.68 -7.30 17.04
CA ALA A 54 7.47 -6.71 18.13
C ALA A 54 8.58 -5.80 17.65
N ASP A 55 9.27 -6.20 16.57
CA ASP A 55 10.36 -5.43 15.98
C ASP A 55 9.87 -4.35 14.98
N TRP A 56 8.89 -4.72 14.09
CA TRP A 56 8.38 -3.83 13.03
C TRP A 56 7.41 -2.77 13.51
N ARG A 57 6.81 -2.99 14.70
CA ARG A 57 5.84 -2.10 15.36
C ARG A 57 4.56 -1.87 14.52
N VAL A 58 4.10 -2.92 13.81
CA VAL A 58 2.90 -2.88 12.95
C VAL A 58 1.89 -3.94 13.40
N GLN A 59 0.60 -3.70 13.10
CA GLN A 59 -0.47 -4.66 13.36
C GLN A 59 -0.44 -5.58 12.15
N VAL A 60 -0.58 -6.89 12.38
CA VAL A 60 -0.50 -7.90 11.33
C VAL A 60 -1.65 -8.90 11.43
N ALA A 61 -1.78 -9.76 10.40
CA ALA A 61 -2.77 -10.83 10.36
C ALA A 61 -2.02 -12.12 10.11
N VAL A 62 -2.45 -13.20 10.81
CA VAL A 62 -1.81 -14.50 10.73
C VAL A 62 -2.85 -15.56 10.33
N LYS A 63 -2.55 -16.29 9.26
CA LYS A 63 -3.40 -17.39 8.80
C LYS A 63 -2.59 -18.65 9.08
N HIS A 64 -2.93 -19.33 10.17
CA HIS A 64 -2.19 -20.49 10.64
C HIS A 64 -2.98 -21.77 10.79
N LEU A 65 -2.24 -22.90 10.80
CA LEU A 65 -2.79 -24.23 11.05
C LEU A 65 -3.01 -24.26 12.57
N HIS A 66 -4.28 -24.41 13.00
CA HIS A 66 -4.68 -24.45 14.41
C HIS A 66 -4.15 -25.72 15.08
N LEU A 72 1.99 -33.50 9.36
CA LEU A 72 2.77 -32.28 9.20
C LEU A 72 3.37 -32.13 7.79
N ASP A 73 3.80 -33.25 7.17
CA ASP A 73 4.44 -33.31 5.83
C ASP A 73 3.64 -32.57 4.75
N SER A 74 2.36 -32.96 4.55
CA SER A 74 1.42 -32.39 3.58
C SER A 74 0.99 -30.98 4.01
N GLU A 75 0.60 -30.86 5.30
CA GLU A 75 0.15 -29.64 5.98
C GLU A 75 1.13 -28.48 5.75
N ARG A 76 2.44 -28.79 5.77
CA ARG A 76 3.50 -27.81 5.53
C ARG A 76 3.52 -27.36 4.07
N LYS A 77 3.45 -28.31 3.12
CA LYS A 77 3.44 -28.03 1.68
C LYS A 77 2.25 -27.15 1.27
N ASP A 78 1.09 -27.32 1.95
CA ASP A 78 -0.16 -26.57 1.69
C ASP A 78 -0.02 -25.06 1.99
N VAL A 79 0.51 -24.71 3.18
CA VAL A 79 0.72 -23.35 3.67
C VAL A 79 1.75 -22.63 2.79
N LEU A 80 2.91 -23.27 2.56
CA LEU A 80 4.02 -22.73 1.75
C LEU A 80 3.61 -22.46 0.30
N ARG A 81 2.65 -23.23 -0.23
CA ARG A 81 2.15 -23.03 -1.60
C ARG A 81 1.26 -21.76 -1.66
N GLU A 82 0.53 -21.48 -0.56
CA GLU A 82 -0.31 -20.28 -0.46
C GLU A 82 0.60 -19.05 -0.31
N ALA A 83 1.69 -19.18 0.46
CA ALA A 83 2.67 -18.12 0.66
C ALA A 83 3.44 -17.84 -0.63
N GLU A 84 3.70 -18.88 -1.43
CA GLU A 84 4.40 -18.72 -2.70
C GLU A 84 3.50 -17.95 -3.69
N ILE A 85 2.17 -18.23 -3.67
CA ILE A 85 1.16 -17.58 -4.53
C ILE A 85 0.98 -16.11 -4.17
N LEU A 86 0.73 -15.83 -2.90
CA LEU A 86 0.54 -14.49 -2.36
C LEU A 86 1.78 -13.60 -2.61
N HIS A 87 3.00 -14.14 -2.41
CA HIS A 87 4.26 -13.44 -2.63
C HIS A 87 4.48 -13.11 -4.12
N LYS A 88 4.02 -13.98 -5.01
CA LYS A 88 4.15 -13.78 -6.45
C LYS A 88 3.03 -12.89 -6.99
N ALA A 89 1.88 -12.87 -6.30
CA ALA A 89 0.73 -12.08 -6.74
C ALA A 89 0.80 -10.60 -6.28
N ARG A 90 1.90 -10.19 -5.63
CA ARG A 90 2.09 -8.83 -5.14
C ARG A 90 1.73 -7.78 -6.16
N PHE A 91 0.83 -6.85 -5.75
CA PHE A 91 0.32 -5.73 -6.52
C PHE A 91 -0.44 -4.86 -5.57
N SER A 92 -0.77 -3.62 -6.01
CA SER A 92 -1.48 -2.59 -5.25
C SER A 92 -2.84 -3.03 -4.73
N TYR A 93 -3.50 -3.98 -5.39
CA TYR A 93 -4.86 -4.36 -5.03
C TYR A 93 -5.00 -5.81 -4.61
N ILE A 94 -3.88 -6.44 -4.21
CA ILE A 94 -3.78 -7.81 -3.65
C ILE A 94 -3.29 -7.70 -2.21
N LEU A 95 -3.79 -8.57 -1.32
CA LEU A 95 -3.41 -8.59 0.10
C LEU A 95 -1.89 -8.75 0.25
N PRO A 96 -1.16 -7.76 0.81
CA PRO A 96 0.31 -7.89 0.91
C PRO A 96 0.80 -8.84 2.02
N ILE A 97 1.61 -9.84 1.63
CA ILE A 97 2.22 -10.83 2.53
C ILE A 97 3.50 -10.24 3.11
N LEU A 98 3.60 -10.23 4.45
CA LEU A 98 4.76 -9.67 5.14
C LEU A 98 5.84 -10.69 5.43
N GLY A 99 5.46 -11.96 5.46
CA GLY A 99 6.37 -13.07 5.70
C GLY A 99 5.71 -14.35 6.14
N ILE A 100 6.54 -15.39 6.30
CA ILE A 100 6.11 -16.73 6.71
C ILE A 100 6.64 -17.04 8.10
N CYS A 101 5.83 -17.69 8.93
CA CYS A 101 6.21 -18.12 10.26
C CYS A 101 6.30 -19.66 10.20
N ASN A 102 7.50 -20.16 9.81
CA ASN A 102 7.82 -21.59 9.61
C ASN A 102 8.71 -22.18 10.72
N GLU A 103 8.08 -22.73 11.76
CA GLU A 103 8.72 -23.33 12.92
C GLU A 103 8.13 -24.73 13.21
N PRO A 104 8.82 -25.64 13.94
CA PRO A 104 8.20 -26.96 14.23
C PRO A 104 7.02 -26.82 15.21
N GLU A 105 7.01 -25.70 15.96
CA GLU A 105 6.02 -25.27 16.94
C GLU A 105 4.77 -24.62 16.30
N PHE A 106 4.96 -23.81 15.23
CA PHE A 106 3.89 -23.04 14.58
C PHE A 106 4.10 -22.86 13.07
N LEU A 107 3.00 -22.89 12.28
CA LEU A 107 3.05 -22.66 10.84
C LEU A 107 1.94 -21.72 10.38
N GLY A 108 2.33 -20.52 9.96
CA GLY A 108 1.38 -19.50 9.50
C GLY A 108 1.92 -18.42 8.58
N ILE A 109 1.03 -17.86 7.75
CA ILE A 109 1.31 -16.77 6.79
C ILE A 109 0.99 -15.43 7.47
N VAL A 110 1.95 -14.49 7.44
CA VAL A 110 1.77 -13.16 8.02
C VAL A 110 1.50 -12.18 6.87
N THR A 111 0.39 -11.46 6.97
CA THR A 111 0.04 -10.49 5.94
C THR A 111 -0.18 -9.19 6.65
N GLU A 112 -0.50 -8.14 5.88
CA GLU A 112 -0.85 -6.87 6.49
C GLU A 112 -2.23 -7.02 7.12
N TYR A 113 -2.58 -6.14 8.06
CA TYR A 113 -3.90 -6.20 8.68
C TYR A 113 -4.87 -5.21 8.01
N MET A 114 -6.04 -5.69 7.59
CA MET A 114 -7.06 -4.86 6.94
C MET A 114 -8.03 -4.41 7.99
N PRO A 115 -7.94 -3.14 8.44
CA PRO A 115 -8.73 -2.75 9.63
C PRO A 115 -10.21 -2.55 9.41
N ASN A 116 -10.62 -2.31 8.17
CA ASN A 116 -12.00 -2.01 7.85
C ASN A 116 -12.84 -3.19 7.36
N GLY A 117 -12.45 -4.38 7.75
CA GLY A 117 -13.20 -5.58 7.40
C GLY A 117 -13.27 -5.88 5.90
N SER A 118 -14.44 -6.37 5.45
CA SER A 118 -14.70 -6.77 4.06
C SER A 118 -15.82 -5.94 3.37
N LEU A 119 -15.97 -6.14 2.06
CA LEU A 119 -17.01 -5.49 1.25
C LEU A 119 -18.42 -5.95 1.70
N ASN A 120 -18.54 -7.23 2.08
CA ASN A 120 -19.78 -7.81 2.59
C ASN A 120 -20.32 -6.96 3.75
N GLU A 121 -19.47 -6.73 4.78
CA GLU A 121 -19.76 -5.92 5.96
C GLU A 121 -20.16 -4.48 5.59
N LEU A 122 -19.40 -3.83 4.68
CA LEU A 122 -19.69 -2.46 4.26
C LEU A 122 -21.05 -2.38 3.59
N LEU A 123 -21.36 -3.36 2.71
CA LEU A 123 -22.65 -3.33 2.02
C LEU A 123 -23.82 -3.74 2.88
N HIS A 124 -23.64 -4.70 3.80
CA HIS A 124 -24.80 -5.23 4.50
C HIS A 124 -24.96 -4.85 5.98
N ARG A 125 -23.97 -4.16 6.61
CA ARG A 125 -24.16 -3.67 7.96
C ARG A 125 -24.66 -2.25 7.80
N LYS A 126 -25.97 -2.13 7.43
CA LYS A 126 -26.68 -0.87 7.14
C LYS A 126 -26.95 0.01 8.37
N THR A 127 -26.80 -0.55 9.60
CA THR A 127 -26.94 0.29 10.79
C THR A 127 -25.60 1.02 10.98
N GLU A 128 -24.48 0.25 11.03
CA GLU A 128 -23.10 0.73 11.12
C GLU A 128 -22.83 1.76 9.99
N TYR A 129 -23.15 1.38 8.72
CA TYR A 129 -22.95 2.24 7.55
C TYR A 129 -24.24 2.55 6.85
N PRO A 130 -25.00 3.56 7.34
CA PRO A 130 -26.25 3.92 6.66
C PRO A 130 -26.08 4.49 5.26
N ASP A 131 -24.92 5.12 5.01
CA ASP A 131 -24.62 5.80 3.75
C ASP A 131 -23.22 5.49 3.25
N VAL A 132 -23.16 4.85 2.07
CA VAL A 132 -21.92 4.50 1.37
C VAL A 132 -22.05 5.19 0.02
N ALA A 133 -21.47 6.37 -0.10
CA ALA A 133 -21.60 7.19 -1.31
C ALA A 133 -21.08 6.53 -2.59
N TRP A 134 -21.74 6.84 -3.72
CA TRP A 134 -21.44 6.37 -5.07
C TRP A 134 -19.98 6.49 -5.43
N PRO A 135 -19.30 7.66 -5.19
CA PRO A 135 -17.86 7.74 -5.52
C PRO A 135 -17.04 6.57 -4.96
N LEU A 136 -17.24 6.21 -3.69
CA LEU A 136 -16.53 5.09 -3.06
C LEU A 136 -16.92 3.73 -3.67
N ARG A 137 -18.20 3.55 -3.99
CA ARG A 137 -18.70 2.33 -4.60
C ARG A 137 -18.04 2.05 -5.93
N PHE A 138 -17.89 3.09 -6.75
CA PHE A 138 -17.23 2.96 -8.05
C PHE A 138 -15.73 2.72 -7.90
N ARG A 139 -15.11 3.39 -6.91
CA ARG A 139 -13.68 3.18 -6.65
C ARG A 139 -13.42 1.71 -6.26
N ILE A 140 -14.30 1.14 -5.42
CA ILE A 140 -14.18 -0.25 -5.02
C ILE A 140 -14.27 -1.20 -6.23
N LEU A 141 -15.27 -0.99 -7.10
CA LEU A 141 -15.48 -1.81 -8.30
C LEU A 141 -14.29 -1.72 -9.28
N HIS A 142 -13.75 -0.52 -9.45
CA HIS A 142 -12.59 -0.25 -10.29
C HIS A 142 -11.38 -1.03 -9.79
N GLU A 143 -11.11 -0.93 -8.46
CA GLU A 143 -10.00 -1.62 -7.81
C GLU A 143 -10.14 -3.15 -7.80
N ILE A 144 -11.38 -3.70 -7.70
CA ILE A 144 -11.60 -5.15 -7.79
C ILE A 144 -11.13 -5.56 -9.20
N ALA A 145 -11.66 -4.88 -10.25
CA ALA A 145 -11.28 -5.11 -11.64
C ALA A 145 -9.75 -4.97 -11.87
N LEU A 146 -9.06 -3.93 -11.29
CA LEU A 146 -7.60 -3.74 -11.39
C LEU A 146 -6.82 -4.91 -10.83
N GLY A 147 -7.20 -5.37 -9.64
CA GLY A 147 -6.56 -6.50 -8.96
C GLY A 147 -6.80 -7.81 -9.67
N VAL A 148 -8.05 -8.07 -10.15
CA VAL A 148 -8.37 -9.29 -10.89
C VAL A 148 -7.62 -9.30 -12.23
N ASN A 149 -7.64 -8.16 -12.96
CA ASN A 149 -6.93 -7.95 -14.24
C ASN A 149 -5.42 -8.23 -14.11
N TYR A 150 -4.80 -7.78 -12.98
CA TYR A 150 -3.38 -8.04 -12.73
C TYR A 150 -3.15 -9.54 -12.60
N LEU A 151 -4.00 -10.23 -11.80
CA LEU A 151 -3.89 -11.67 -11.60
C LEU A 151 -3.94 -12.44 -12.95
N HIS A 152 -4.86 -12.06 -13.83
CA HIS A 152 -5.05 -12.66 -15.15
C HIS A 152 -3.89 -12.35 -16.12
N ASN A 153 -3.08 -11.34 -15.82
CA ASN A 153 -1.95 -10.91 -16.65
C ASN A 153 -0.61 -11.51 -16.22
N MET A 154 -0.60 -12.30 -15.11
CA MET A 154 0.58 -13.00 -14.61
C MET A 154 0.97 -14.16 -15.55
N THR A 155 2.20 -14.65 -15.43
CA THR A 155 2.68 -15.78 -16.26
C THR A 155 3.08 -16.95 -15.35
N PRO A 156 2.26 -18.02 -15.31
CA PRO A 156 0.99 -18.18 -16.05
C PRO A 156 -0.16 -17.36 -15.40
N PRO A 157 -1.27 -17.06 -16.14
CA PRO A 157 -2.35 -16.27 -15.52
C PRO A 157 -2.89 -16.92 -14.27
N LEU A 158 -3.10 -16.12 -13.22
CA LEU A 158 -3.65 -16.59 -11.97
C LEU A 158 -5.13 -16.24 -11.98
N LEU A 159 -5.97 -17.27 -11.83
CA LEU A 159 -7.42 -17.14 -11.86
C LEU A 159 -7.95 -17.39 -10.46
N HIS A 160 -8.60 -16.38 -9.85
CA HIS A 160 -9.09 -16.45 -8.47
C HIS A 160 -10.09 -17.59 -8.26
N HIS A 161 -11.11 -17.64 -9.09
CA HIS A 161 -12.16 -18.66 -9.14
C HIS A 161 -12.96 -18.82 -7.83
N ASP A 162 -12.75 -17.95 -6.83
CA ASP A 162 -13.58 -17.94 -5.64
C ASP A 162 -13.79 -16.47 -5.16
N LEU A 163 -14.07 -15.59 -6.13
CA LEU A 163 -14.32 -14.18 -5.90
C LEU A 163 -15.72 -13.96 -5.27
N LYS A 164 -15.79 -13.19 -4.20
CA LYS A 164 -17.00 -12.88 -3.43
C LYS A 164 -16.73 -11.64 -2.57
N THR A 165 -17.76 -10.93 -2.11
CA THR A 165 -17.58 -9.72 -1.28
C THR A 165 -16.72 -9.97 -0.03
N GLN A 166 -16.74 -11.22 0.50
CA GLN A 166 -16.03 -11.64 1.72
C GLN A 166 -14.56 -11.62 1.53
N ASN A 167 -14.10 -11.81 0.28
CA ASN A 167 -12.67 -11.86 -0.11
C ASN A 167 -12.11 -10.52 -0.60
N ILE A 168 -12.93 -9.44 -0.52
CA ILE A 168 -12.59 -8.05 -0.90
C ILE A 168 -12.41 -7.32 0.41
N LEU A 169 -11.14 -7.22 0.84
CA LEU A 169 -10.81 -6.58 2.13
C LEU A 169 -10.64 -5.06 2.01
N LEU A 170 -10.90 -4.36 3.12
CA LEU A 170 -10.83 -2.91 3.09
C LEU A 170 -9.75 -2.38 4.03
N ASP A 171 -8.78 -1.64 3.46
CA ASP A 171 -7.63 -1.10 4.20
C ASP A 171 -8.02 0.16 4.96
N ASN A 172 -7.05 0.75 5.68
CA ASN A 172 -7.14 1.99 6.47
C ASN A 172 -7.90 3.11 5.79
N GLU A 173 -7.67 3.25 4.47
CA GLU A 173 -8.25 4.29 3.62
C GLU A 173 -9.38 3.81 2.70
N PHE A 174 -9.97 2.62 3.01
CA PHE A 174 -11.05 1.94 2.28
C PHE A 174 -10.66 1.61 0.80
N HIS A 175 -9.39 1.22 0.61
CA HIS A 175 -8.89 0.76 -0.69
C HIS A 175 -8.93 -0.74 -0.63
N VAL A 176 -9.18 -1.35 -1.77
CA VAL A 176 -9.34 -2.81 -1.94
C VAL A 176 -8.01 -3.55 -1.86
N LYS A 177 -8.03 -4.71 -1.20
CA LYS A 177 -6.98 -5.72 -1.17
C LYS A 177 -7.72 -7.02 -1.37
N ILE A 178 -7.49 -7.68 -2.52
CA ILE A 178 -8.14 -8.95 -2.82
C ILE A 178 -7.43 -10.03 -2.02
N ALA A 179 -8.22 -10.75 -1.19
CA ALA A 179 -7.76 -11.90 -0.39
C ALA A 179 -8.41 -13.24 -0.84
N ASP A 180 -7.96 -14.32 -0.24
CA ASP A 180 -8.55 -15.64 -0.38
C ASP A 180 -8.56 -16.30 0.98
N PHE A 181 -9.70 -16.16 1.70
CA PHE A 181 -9.89 -16.82 2.98
C PHE A 181 -10.04 -18.32 2.71
N GLY A 182 -9.35 -19.12 3.50
CA GLY A 182 -9.32 -20.56 3.30
C GLY A 182 -9.78 -21.36 4.50
N LEU A 183 -11.10 -21.38 4.73
CA LEU A 183 -11.71 -22.17 5.82
C LEU A 183 -11.73 -23.64 5.42
N SER A 184 -11.97 -23.94 4.11
CA SER A 184 -12.00 -25.29 3.57
C SER A 184 -10.60 -25.78 3.14
N LYS A 185 -9.89 -25.00 2.30
CA LYS A 185 -8.56 -25.38 1.82
C LYS A 185 -7.61 -24.19 1.63
N TRP A 186 -6.29 -24.48 1.58
CA TRP A 186 -5.24 -23.48 1.31
C TRP A 186 -5.13 -23.33 -0.22
N ARG A 187 -4.30 -22.39 -0.71
CA ARG A 187 -4.13 -22.15 -2.15
C ARG A 187 -3.38 -23.26 -2.88
N MET A 188 -3.64 -23.42 -4.19
CA MET A 188 -3.00 -24.42 -5.05
C MET A 188 -2.72 -23.91 -6.47
N THR A 205 -20.82 -21.10 -0.55
CA THR A 205 -21.58 -20.16 -1.37
C THR A 205 -21.41 -20.40 -2.88
N ILE A 206 -22.54 -20.32 -3.59
CA ILE A 206 -22.69 -20.57 -5.03
C ILE A 206 -23.25 -19.35 -5.81
N ILE A 207 -23.52 -18.27 -5.09
CA ILE A 207 -24.10 -17.03 -5.62
C ILE A 207 -23.24 -16.37 -6.74
N TYR A 208 -21.91 -16.50 -6.65
CA TYR A 208 -20.95 -15.91 -7.58
C TYR A 208 -20.41 -16.87 -8.62
N MET A 209 -20.85 -18.13 -8.56
CA MET A 209 -20.42 -19.20 -9.45
C MET A 209 -21.24 -19.29 -10.75
N PRO A 210 -20.55 -19.24 -11.93
CA PRO A 210 -21.25 -19.40 -13.24
C PRO A 210 -21.93 -20.80 -13.39
N PRO A 211 -23.08 -20.89 -14.08
CA PRO A 211 -23.81 -22.18 -14.17
C PRO A 211 -22.99 -23.37 -14.67
N GLU A 212 -22.19 -23.16 -15.73
CA GLU A 212 -21.31 -24.17 -16.31
C GLU A 212 -20.34 -24.78 -15.30
N ASN A 213 -20.06 -24.06 -14.18
CA ASN A 213 -19.13 -24.51 -13.15
C ASN A 213 -19.77 -25.39 -12.07
N TYR A 214 -21.08 -25.68 -12.21
CA TYR A 214 -21.77 -26.53 -11.24
C TYR A 214 -21.27 -28.00 -11.26
N GLU A 215 -20.87 -28.50 -12.46
CA GLU A 215 -20.35 -29.84 -12.73
C GLU A 215 -18.82 -29.79 -12.94
N ALA A 222 -10.02 -24.06 -15.09
CA ALA A 222 -9.75 -24.06 -16.53
C ALA A 222 -10.45 -22.90 -17.27
N SER A 223 -11.72 -22.58 -16.88
CA SER A 223 -12.50 -21.49 -17.46
C SER A 223 -11.82 -20.18 -17.19
N ILE A 224 -11.67 -19.38 -18.22
CA ILE A 224 -11.07 -18.05 -18.08
C ILE A 224 -12.18 -16.97 -18.08
N LYS A 225 -13.45 -17.40 -17.92
CA LYS A 225 -14.65 -16.57 -17.89
C LYS A 225 -15.45 -16.73 -16.58
N HIS A 226 -14.82 -17.30 -15.54
CA HIS A 226 -15.45 -17.44 -14.23
C HIS A 226 -15.43 -16.12 -13.45
N ASP A 227 -14.21 -15.56 -13.16
CA ASP A 227 -14.05 -14.36 -12.33
C ASP A 227 -14.88 -13.16 -12.79
N ILE A 228 -15.11 -13.03 -14.11
CA ILE A 228 -15.94 -11.97 -14.67
C ILE A 228 -17.38 -12.13 -14.27
N TYR A 229 -17.89 -13.41 -14.20
CA TYR A 229 -19.25 -13.78 -13.76
C TYR A 229 -19.40 -13.29 -12.31
N SER A 230 -18.44 -13.70 -11.44
CA SER A 230 -18.38 -13.35 -10.01
C SER A 230 -18.36 -11.85 -9.88
N TYR A 231 -17.57 -11.19 -10.74
CA TYR A 231 -17.45 -9.74 -10.76
C TYR A 231 -18.79 -9.07 -11.07
N ALA A 232 -19.53 -9.57 -12.08
CA ALA A 232 -20.87 -9.07 -12.43
C ALA A 232 -21.85 -9.15 -11.22
N VAL A 233 -21.79 -10.26 -10.43
CA VAL A 233 -22.64 -10.44 -9.22
C VAL A 233 -22.24 -9.41 -8.19
N ILE A 234 -20.93 -9.26 -7.90
CA ILE A 234 -20.43 -8.27 -6.94
C ILE A 234 -20.89 -6.86 -7.30
N THR A 235 -20.81 -6.49 -8.60
CA THR A 235 -21.22 -5.19 -9.12
C THR A 235 -22.68 -4.93 -8.82
N TRP A 236 -23.55 -5.94 -9.07
CA TRP A 236 -24.98 -5.87 -8.80
C TRP A 236 -25.18 -5.61 -7.28
N GLU A 237 -24.50 -6.40 -6.45
CA GLU A 237 -24.54 -6.33 -4.97
C GLU A 237 -24.09 -4.99 -4.42
N VAL A 238 -23.06 -4.38 -5.01
CA VAL A 238 -22.54 -3.07 -4.60
C VAL A 238 -23.54 -1.93 -4.91
N LEU A 239 -24.14 -1.99 -6.10
CA LEU A 239 -25.05 -0.93 -6.56
C LEU A 239 -26.47 -1.01 -5.96
N SER A 240 -26.90 -2.21 -5.55
CA SER A 240 -28.21 -2.46 -4.95
C SER A 240 -28.22 -2.51 -3.44
N ARG A 241 -27.07 -2.86 -2.79
CA ARG A 241 -26.92 -3.15 -1.36
C ARG A 241 -27.88 -4.29 -0.90
N LYS A 242 -28.44 -5.04 -1.85
CA LYS A 242 -29.36 -6.16 -1.63
C LYS A 242 -28.59 -7.45 -1.64
N GLN A 243 -29.18 -8.50 -1.05
CA GLN A 243 -28.57 -9.84 -1.03
C GLN A 243 -29.01 -10.56 -2.32
N PRO A 244 -28.11 -11.07 -3.19
CA PRO A 244 -28.57 -11.74 -4.43
C PRO A 244 -29.55 -12.89 -4.13
N PHE A 245 -30.74 -12.91 -4.81
CA PHE A 245 -31.79 -13.92 -4.60
C PHE A 245 -32.31 -13.88 -3.14
N GLU A 246 -32.90 -12.73 -2.76
CA GLU A 246 -33.41 -12.41 -1.40
C GLU A 246 -34.49 -13.32 -0.86
N ASP A 247 -35.40 -13.75 -1.73
CA ASP A 247 -36.53 -14.59 -1.33
C ASP A 247 -36.21 -16.07 -1.35
N VAL A 248 -35.12 -16.44 -2.04
CA VAL A 248 -34.69 -17.83 -2.15
C VAL A 248 -34.06 -18.32 -0.84
N THR A 249 -34.70 -19.36 -0.29
CA THR A 249 -34.39 -20.05 0.96
C THR A 249 -33.21 -21.03 0.80
N ASN A 250 -33.34 -22.01 -0.13
CA ASN A 250 -32.36 -23.07 -0.40
C ASN A 250 -31.33 -22.69 -1.49
N PRO A 251 -30.02 -22.99 -1.30
CA PRO A 251 -29.04 -22.68 -2.36
C PRO A 251 -29.28 -23.43 -3.67
N LEU A 252 -29.90 -24.64 -3.59
CA LEU A 252 -30.24 -25.48 -4.75
C LEU A 252 -31.28 -24.79 -5.60
N GLN A 253 -32.17 -24.02 -4.95
CA GLN A 253 -33.17 -23.22 -5.66
C GLN A 253 -32.53 -22.09 -6.46
N ILE A 254 -31.34 -21.57 -5.99
CA ILE A 254 -30.56 -20.55 -6.71
C ILE A 254 -29.89 -21.28 -7.90
N MET A 255 -29.14 -22.38 -7.61
CA MET A 255 -28.45 -23.20 -8.62
C MET A 255 -29.37 -23.61 -9.77
N TYR A 256 -30.64 -23.92 -9.44
CA TYR A 256 -31.62 -24.31 -10.43
C TYR A 256 -31.98 -23.11 -11.29
N SER A 257 -32.36 -21.99 -10.66
CA SER A 257 -32.76 -20.74 -11.31
C SER A 257 -31.66 -20.21 -12.25
N VAL A 258 -30.41 -20.20 -11.77
CA VAL A 258 -29.22 -19.74 -12.51
C VAL A 258 -29.02 -20.55 -13.79
N SER A 259 -29.03 -21.89 -13.67
CA SER A 259 -28.87 -22.83 -14.78
C SER A 259 -29.93 -22.67 -15.87
N GLN A 260 -31.11 -22.08 -15.50
CA GLN A 260 -32.24 -21.78 -16.38
C GLN A 260 -32.10 -20.37 -16.96
N GLY A 261 -30.92 -19.76 -16.80
CA GLY A 261 -30.60 -18.41 -17.30
C GLY A 261 -31.08 -17.23 -16.48
N HIS A 262 -31.65 -17.47 -15.28
CA HIS A 262 -32.13 -16.39 -14.42
C HIS A 262 -31.04 -15.84 -13.53
N ARG A 263 -31.16 -14.54 -13.22
CA ARG A 263 -30.15 -13.79 -12.50
C ARG A 263 -30.76 -12.88 -11.43
N PRO A 264 -29.98 -12.24 -10.50
CA PRO A 264 -30.58 -11.31 -9.54
C PRO A 264 -31.39 -10.25 -10.28
N VAL A 265 -32.45 -9.76 -9.66
CA VAL A 265 -33.38 -8.83 -10.29
C VAL A 265 -32.75 -7.49 -10.62
N ILE A 266 -33.03 -7.02 -11.83
CA ILE A 266 -32.65 -5.72 -12.34
C ILE A 266 -33.95 -4.99 -12.67
N ASN A 267 -34.33 -4.04 -11.79
CA ASN A 267 -35.51 -3.16 -11.89
C ASN A 267 -35.25 -1.87 -11.11
N GLU A 268 -36.25 -1.00 -10.92
CA GLU A 268 -36.11 0.26 -10.18
C GLU A 268 -35.96 -0.02 -8.69
N GLU A 269 -36.55 -1.13 -8.21
CA GLU A 269 -36.51 -1.49 -6.81
C GLU A 269 -35.09 -1.89 -6.36
N SER A 270 -34.40 -2.78 -7.14
CA SER A 270 -33.04 -3.28 -6.86
C SER A 270 -32.00 -2.26 -7.26
N LEU A 271 -32.19 -1.67 -8.44
CA LEU A 271 -31.28 -0.68 -8.98
C LEU A 271 -32.01 0.64 -9.26
N PRO A 272 -32.04 1.55 -8.26
CA PRO A 272 -32.74 2.84 -8.45
C PRO A 272 -32.25 3.64 -9.66
N TYR A 273 -33.14 4.47 -10.24
CA TYR A 273 -32.85 5.27 -11.42
C TYR A 273 -31.84 6.38 -11.17
N ASP A 274 -31.61 6.73 -9.90
CA ASP A 274 -30.67 7.79 -9.49
C ASP A 274 -29.18 7.33 -9.46
N ILE A 275 -28.90 6.03 -9.75
CA ILE A 275 -27.54 5.47 -9.77
C ILE A 275 -26.72 6.14 -10.88
N PRO A 276 -25.55 6.72 -10.58
CA PRO A 276 -24.75 7.32 -11.66
C PRO A 276 -24.42 6.27 -12.71
N HIS A 277 -24.53 6.63 -14.01
CA HIS A 277 -24.19 5.78 -15.15
C HIS A 277 -24.89 4.41 -15.13
N ARG A 278 -26.16 4.43 -14.66
CA ARG A 278 -27.03 3.26 -14.48
C ARG A 278 -27.07 2.35 -15.70
N ALA A 279 -27.54 2.86 -16.86
CA ALA A 279 -27.62 2.10 -18.11
C ALA A 279 -26.33 1.35 -18.40
N ARG A 280 -25.22 2.09 -18.40
CA ARG A 280 -23.87 1.62 -18.66
C ARG A 280 -23.40 0.49 -17.70
N MET A 281 -23.74 0.62 -16.41
CA MET A 281 -23.38 -0.37 -15.38
C MET A 281 -24.22 -1.64 -15.53
N ILE A 282 -25.52 -1.51 -15.86
CA ILE A 282 -26.42 -2.65 -16.12
C ILE A 282 -25.89 -3.49 -17.31
N SER A 283 -25.48 -2.82 -18.43
CA SER A 283 -24.89 -3.49 -19.61
C SER A 283 -23.69 -4.36 -19.23
N LEU A 284 -22.78 -3.80 -18.39
CA LEU A 284 -21.58 -4.47 -17.88
C LEU A 284 -21.97 -5.71 -17.04
N ILE A 285 -22.94 -5.53 -16.11
CA ILE A 285 -23.48 -6.61 -15.27
C ILE A 285 -24.04 -7.74 -16.15
N GLU A 286 -24.92 -7.38 -17.10
CA GLU A 286 -25.59 -8.33 -17.99
C GLU A 286 -24.62 -9.04 -18.91
N SER A 287 -23.54 -8.36 -19.38
CA SER A 287 -22.48 -9.00 -20.19
C SER A 287 -21.72 -10.00 -19.34
N GLY A 288 -21.31 -9.52 -18.15
CA GLY A 288 -20.52 -10.26 -17.19
C GLY A 288 -21.13 -11.57 -16.73
N TRP A 289 -22.46 -11.55 -16.42
CA TRP A 289 -23.18 -12.76 -15.99
C TRP A 289 -23.96 -13.46 -17.14
N ALA A 290 -23.60 -13.26 -18.42
CA ALA A 290 -24.29 -13.94 -19.55
C ALA A 290 -24.19 -15.44 -19.39
N GLN A 291 -25.25 -16.15 -19.81
CA GLN A 291 -25.30 -17.62 -19.79
C GLN A 291 -24.15 -18.22 -20.62
N ASN A 292 -23.88 -17.63 -21.81
CA ASN A 292 -22.78 -18.01 -22.71
C ASN A 292 -21.43 -17.41 -22.25
N PRO A 293 -20.53 -18.25 -21.66
CA PRO A 293 -19.23 -17.74 -21.22
C PRO A 293 -18.52 -16.84 -22.22
N ASP A 294 -18.64 -17.17 -23.50
CA ASP A 294 -18.01 -16.44 -24.60
C ASP A 294 -18.56 -15.04 -24.82
N GLU A 295 -19.80 -14.79 -24.39
CA GLU A 295 -20.38 -13.47 -24.52
C GLU A 295 -19.96 -12.51 -23.36
N ARG A 296 -19.24 -13.05 -22.33
CA ARG A 296 -18.73 -12.32 -21.17
C ARG A 296 -17.44 -11.58 -21.53
N PRO A 297 -17.22 -10.35 -21.01
CA PRO A 297 -16.03 -9.61 -21.43
C PRO A 297 -14.75 -9.99 -20.71
N SER A 298 -13.62 -9.60 -21.29
CA SER A 298 -12.31 -9.76 -20.65
C SER A 298 -12.23 -8.63 -19.59
N PHE A 299 -11.25 -8.69 -18.67
CA PHE A 299 -11.09 -7.62 -17.69
C PHE A 299 -10.54 -6.34 -18.35
N LEU A 300 -9.85 -6.46 -19.52
CA LEU A 300 -9.35 -5.32 -20.29
C LEU A 300 -10.54 -4.49 -20.76
N LYS A 301 -11.52 -5.16 -21.42
CA LYS A 301 -12.75 -4.55 -21.93
C LYS A 301 -13.49 -3.88 -20.79
N CYS A 302 -13.64 -4.60 -19.70
CA CYS A 302 -14.35 -4.19 -18.52
C CYS A 302 -13.70 -2.94 -17.89
N LEU A 303 -12.36 -2.90 -17.85
CA LEU A 303 -11.63 -1.73 -17.37
C LEU A 303 -11.70 -0.54 -18.31
N ILE A 304 -11.69 -0.79 -19.64
CA ILE A 304 -11.82 0.26 -20.65
C ILE A 304 -13.22 0.93 -20.53
N GLU A 305 -14.24 0.18 -20.11
CA GLU A 305 -15.59 0.68 -19.84
C GLU A 305 -15.61 1.52 -18.56
N LEU A 306 -15.00 0.98 -17.49
CA LEU A 306 -14.94 1.62 -16.17
C LEU A 306 -14.18 2.94 -16.15
N GLU A 307 -13.03 3.01 -16.85
CA GLU A 307 -12.17 4.20 -16.88
C GLU A 307 -12.94 5.54 -17.10
N PRO A 308 -13.75 5.77 -18.18
CA PRO A 308 -14.47 7.06 -18.29
C PRO A 308 -15.50 7.32 -17.19
N VAL A 309 -16.02 6.27 -16.56
CA VAL A 309 -17.01 6.41 -15.48
C VAL A 309 -16.32 7.04 -14.26
N LEU A 310 -15.17 6.49 -13.86
CA LEU A 310 -14.39 6.95 -12.71
C LEU A 310 -13.83 8.37 -12.85
N ARG A 311 -13.54 8.80 -14.10
CA ARG A 311 -13.06 10.15 -14.38
C ARG A 311 -14.09 11.22 -14.06
N THR A 312 -15.39 10.87 -13.99
CA THR A 312 -16.48 11.82 -13.71
C THR A 312 -16.53 12.26 -12.23
N PHE A 313 -15.78 11.56 -11.34
CA PHE A 313 -15.74 11.85 -9.91
C PHE A 313 -14.51 12.67 -9.58
N GLU A 314 -14.73 13.82 -8.92
CA GLU A 314 -13.67 14.70 -8.42
C GLU A 314 -12.98 13.96 -7.27
N GLU A 315 -11.64 14.00 -7.21
CA GLU A 315 -10.86 13.27 -6.21
C GLU A 315 -11.31 13.49 -4.73
N ILE A 316 -11.74 14.71 -4.36
CA ILE A 316 -12.20 15.08 -3.00
C ILE A 316 -13.45 14.29 -2.57
N THR A 317 -14.31 13.91 -3.54
CA THR A 317 -15.54 13.15 -3.29
C THR A 317 -15.26 11.77 -2.70
N PHE A 318 -14.09 11.18 -3.04
CA PHE A 318 -13.71 9.89 -2.48
C PHE A 318 -13.39 10.06 -0.99
N LEU A 319 -12.60 11.12 -0.64
CA LEU A 319 -12.22 11.45 0.74
C LEU A 319 -13.44 11.72 1.61
N GLU A 320 -14.38 12.48 1.06
CA GLU A 320 -15.64 12.87 1.70
C GLU A 320 -16.55 11.68 1.95
N ALA A 321 -16.57 10.70 1.04
CA ALA A 321 -17.35 9.46 1.17
C ALA A 321 -16.79 8.60 2.32
N VAL A 322 -15.45 8.56 2.49
CA VAL A 322 -14.75 7.82 3.54
C VAL A 322 -14.94 8.51 4.89
N ILE A 323 -14.89 9.87 4.91
CA ILE A 323 -15.06 10.57 6.17
C ILE A 323 -16.48 10.34 6.68
N GLN A 324 -17.49 10.33 5.79
CA GLN A 324 -18.91 10.09 6.09
C GLN A 324 -19.11 8.73 6.77
N LEU A 325 -18.14 7.79 6.64
CA LEU A 325 -18.22 6.48 7.28
C LEU A 325 -17.68 6.52 8.73
N LYS A 326 -16.72 7.44 9.00
CA LYS A 326 -16.00 7.67 10.27
C LYS A 326 -16.76 8.49 11.29
N ILE B 22 10.97 -19.16 0.21
CA ILE B 22 10.09 -18.83 -0.90
C ILE B 22 10.65 -17.62 -1.69
N CYS B 23 10.92 -17.82 -3.00
CA CYS B 23 11.45 -16.82 -3.93
C CYS B 23 10.36 -16.25 -4.84
N SER B 24 10.53 -15.00 -5.30
CA SER B 24 9.64 -14.32 -6.23
C SER B 24 10.43 -13.48 -7.20
N ALA B 25 10.20 -13.71 -8.49
CA ALA B 25 10.85 -12.94 -9.53
C ALA B 25 10.12 -11.63 -9.70
N LEU B 26 10.90 -10.58 -10.00
CA LEU B 26 10.39 -9.27 -10.28
C LEU B 26 9.98 -9.22 -11.77
N PRO B 27 8.73 -8.80 -12.07
CA PRO B 27 8.31 -8.70 -13.48
C PRO B 27 9.21 -7.84 -14.37
N THR B 28 9.26 -8.18 -15.66
CA THR B 28 10.03 -7.43 -16.64
C THR B 28 9.01 -6.77 -17.52
N ILE B 29 9.06 -5.44 -17.58
CA ILE B 29 8.07 -4.67 -18.31
C ILE B 29 8.62 -4.21 -19.64
N PRO B 30 8.02 -4.61 -20.78
CA PRO B 30 8.50 -4.10 -22.08
C PRO B 30 8.22 -2.61 -22.16
N TYR B 31 9.23 -1.81 -22.53
CA TYR B 31 9.14 -0.35 -22.62
C TYR B 31 7.87 0.11 -23.36
N HIS B 32 7.50 -0.61 -24.44
CA HIS B 32 6.34 -0.28 -25.29
C HIS B 32 4.98 -0.49 -24.57
N LYS B 33 5.00 -1.15 -23.41
CA LYS B 33 3.81 -1.32 -22.58
C LYS B 33 3.51 -0.06 -21.73
N LEU B 34 4.44 0.91 -21.72
CA LEU B 34 4.32 2.18 -21.00
C LEU B 34 3.82 3.23 -21.93
N ALA B 35 2.58 3.65 -21.71
CA ALA B 35 1.89 4.64 -22.51
C ALA B 35 1.82 5.96 -21.76
N ASP B 36 1.57 7.04 -22.51
CA ASP B 36 1.35 8.39 -22.02
C ASP B 36 2.55 8.91 -21.13
N LEU B 37 3.82 8.59 -21.53
CA LEU B 37 5.05 9.00 -20.85
C LEU B 37 5.27 10.52 -20.76
N ARG B 38 5.39 11.07 -19.54
CA ARG B 38 5.62 12.50 -19.29
C ARG B 38 6.76 12.70 -18.29
N TYR B 39 7.65 13.69 -18.58
CA TYR B 39 8.79 14.07 -17.73
C TYR B 39 8.21 14.60 -16.42
N LEU B 40 8.83 14.21 -15.29
CA LEU B 40 8.46 14.71 -13.96
C LEU B 40 9.63 15.51 -13.41
N SER B 41 10.83 14.90 -13.36
CA SER B 41 12.07 15.49 -12.86
C SER B 41 13.32 14.89 -13.52
N ARG B 42 14.46 15.59 -13.36
CA ARG B 42 15.79 15.24 -13.89
C ARG B 42 16.88 15.56 -12.83
N GLY B 43 17.91 14.72 -12.77
CA GLY B 43 19.02 14.89 -11.85
C GLY B 43 19.98 13.73 -11.82
N ALA B 44 20.51 13.43 -10.60
CA ALA B 44 21.43 12.30 -10.36
C ALA B 44 20.62 10.99 -10.44
N SER B 45 21.24 9.94 -11.04
CA SER B 45 20.69 8.60 -11.34
C SER B 45 19.78 8.58 -12.60
N GLY B 46 19.53 9.77 -13.17
CA GLY B 46 18.76 9.95 -14.40
C GLY B 46 17.57 10.87 -14.35
N THR B 47 16.51 10.47 -15.05
CA THR B 47 15.25 11.22 -15.19
C THR B 47 14.07 10.34 -14.68
N VAL B 48 13.02 11.00 -14.17
CA VAL B 48 11.82 10.34 -13.64
C VAL B 48 10.63 10.73 -14.49
N SER B 49 9.89 9.75 -14.97
CA SER B 49 8.71 10.03 -15.79
C SER B 49 7.45 9.34 -15.26
N SER B 50 6.27 9.95 -15.49
CA SER B 50 4.99 9.30 -15.18
C SER B 50 4.56 8.56 -16.46
N ALA B 51 3.73 7.52 -16.35
CA ALA B 51 3.21 6.73 -17.48
C ALA B 51 2.05 5.90 -16.97
N ARG B 52 1.37 5.19 -17.87
CA ARG B 52 0.29 4.25 -17.55
C ARG B 52 0.71 2.90 -18.19
N HIS B 53 0.44 1.78 -17.49
CA HIS B 53 0.71 0.46 -18.01
C HIS B 53 -0.47 0.11 -18.94
N ALA B 54 -0.15 -0.24 -20.20
CA ALA B 54 -1.14 -0.53 -21.23
C ALA B 54 -2.05 -1.71 -20.89
N ASP B 55 -1.52 -2.74 -20.21
CA ASP B 55 -2.27 -3.94 -19.83
C ASP B 55 -2.82 -3.87 -18.41
N TRP B 56 -2.04 -3.35 -17.45
CA TRP B 56 -2.43 -3.30 -16.04
C TRP B 56 -3.43 -2.21 -15.73
N ARG B 57 -3.46 -1.16 -16.57
CA ARG B 57 -4.41 -0.03 -16.46
C ARG B 57 -4.18 0.81 -15.17
N VAL B 58 -2.93 0.89 -14.75
CA VAL B 58 -2.54 1.73 -13.60
C VAL B 58 -1.56 2.82 -14.02
N GLN B 59 -1.53 3.91 -13.25
CA GLN B 59 -0.52 4.94 -13.42
C GLN B 59 0.79 4.44 -12.73
N VAL B 60 1.93 4.66 -13.39
CA VAL B 60 3.23 4.24 -12.87
C VAL B 60 4.20 5.42 -12.90
N ALA B 61 5.34 5.25 -12.21
CA ALA B 61 6.49 6.14 -12.23
C ALA B 61 7.67 5.33 -12.81
N VAL B 62 8.43 5.94 -13.71
CA VAL B 62 9.59 5.31 -14.40
C VAL B 62 10.90 6.07 -14.10
N LYS B 63 11.81 5.47 -13.31
CA LYS B 63 13.13 6.06 -13.05
C LYS B 63 14.07 5.43 -14.08
N HIS B 64 14.51 6.21 -15.06
CA HIS B 64 15.35 5.70 -16.13
C HIS B 64 16.58 6.54 -16.48
N LEU B 65 17.52 5.88 -17.19
CA LEU B 65 18.72 6.50 -17.73
C LEU B 65 18.36 6.95 -19.15
N HIS B 66 18.79 8.18 -19.53
CA HIS B 66 18.54 8.78 -20.84
C HIS B 66 19.85 9.30 -21.46
N LEU B 72 27.77 1.65 -19.90
CA LEU B 72 26.77 0.86 -20.60
C LEU B 72 26.54 -0.49 -19.93
N ASP B 73 27.62 -1.18 -19.51
CA ASP B 73 27.51 -2.45 -18.78
C ASP B 73 27.47 -2.18 -17.28
N SER B 74 28.25 -1.17 -16.83
CA SER B 74 28.29 -0.70 -15.45
C SER B 74 26.93 -0.08 -15.13
N GLU B 75 26.40 0.75 -16.09
CA GLU B 75 25.10 1.41 -16.07
C GLU B 75 23.99 0.37 -15.87
N ARG B 76 24.03 -0.72 -16.67
CA ARG B 76 23.10 -1.84 -16.63
C ARG B 76 23.04 -2.47 -15.22
N LYS B 77 24.21 -2.67 -14.57
CA LYS B 77 24.36 -3.27 -13.24
C LYS B 77 23.79 -2.42 -12.12
N ASP B 78 23.86 -1.09 -12.25
CA ASP B 78 23.36 -0.11 -11.27
C ASP B 78 21.84 -0.18 -11.13
N VAL B 79 21.14 -0.18 -12.28
CA VAL B 79 19.69 -0.27 -12.38
C VAL B 79 19.24 -1.61 -11.81
N LEU B 80 19.96 -2.69 -12.15
CA LEU B 80 19.66 -4.05 -11.67
C LEU B 80 19.83 -4.16 -10.16
N ARG B 81 20.83 -3.46 -9.58
CA ARG B 81 21.10 -3.45 -8.13
C ARG B 81 19.98 -2.70 -7.36
N GLU B 82 19.58 -1.48 -7.86
CA GLU B 82 18.52 -0.66 -7.28
C GLU B 82 17.23 -1.46 -7.26
N ALA B 83 16.92 -2.12 -8.39
CA ALA B 83 15.75 -2.98 -8.55
C ALA B 83 15.68 -4.08 -7.47
N GLU B 84 16.79 -4.74 -7.22
CA GLU B 84 16.95 -5.82 -6.25
C GLU B 84 16.71 -5.33 -4.81
N ILE B 85 17.29 -4.17 -4.46
CA ILE B 85 17.15 -3.59 -3.12
C ILE B 85 15.68 -3.27 -2.89
N LEU B 86 15.08 -2.55 -3.85
CA LEU B 86 13.68 -2.13 -3.85
C LEU B 86 12.71 -3.31 -3.78
N HIS B 87 13.05 -4.42 -4.47
CA HIS B 87 12.26 -5.65 -4.48
C HIS B 87 12.37 -6.39 -3.16
N LYS B 88 13.54 -6.32 -2.51
CA LYS B 88 13.74 -6.99 -1.23
C LYS B 88 13.25 -6.16 -0.05
N ALA B 89 13.28 -4.82 -0.16
CA ALA B 89 12.85 -3.86 0.86
C ALA B 89 11.32 -3.65 0.97
N ARG B 90 10.54 -4.49 0.27
CA ARG B 90 9.07 -4.48 0.22
C ARG B 90 8.42 -4.42 1.58
N PHE B 91 7.76 -3.31 1.86
CA PHE B 91 7.05 -3.05 3.12
C PHE B 91 6.09 -1.87 2.93
N SER B 92 5.12 -1.73 3.87
CA SER B 92 4.06 -0.71 3.90
C SER B 92 4.51 0.77 3.76
N TYR B 93 5.74 1.13 4.18
CA TYR B 93 6.17 2.53 4.12
C TYR B 93 7.41 2.72 3.20
N ILE B 94 7.56 1.81 2.23
CA ILE B 94 8.66 1.81 1.26
C ILE B 94 8.03 1.88 -0.12
N LEU B 95 8.59 2.72 -1.03
CA LEU B 95 8.10 2.84 -2.41
C LEU B 95 7.98 1.47 -3.09
N PRO B 96 6.77 1.02 -3.47
CA PRO B 96 6.65 -0.30 -4.11
C PRO B 96 7.09 -0.32 -5.57
N ILE B 97 8.07 -1.19 -5.89
CA ILE B 97 8.57 -1.42 -7.26
C ILE B 97 7.55 -2.38 -7.92
N LEU B 98 7.20 -2.13 -9.20
CA LEU B 98 6.25 -2.94 -9.95
C LEU B 98 6.94 -3.85 -10.98
N GLY B 99 8.06 -3.37 -11.51
CA GLY B 99 8.85 -4.10 -12.49
C GLY B 99 10.09 -3.36 -12.94
N ILE B 100 10.85 -3.98 -13.87
CA ILE B 100 12.08 -3.45 -14.48
C ILE B 100 12.01 -3.45 -16.03
N CYS B 101 12.54 -2.40 -16.65
CA CYS B 101 12.69 -2.30 -18.09
C CYS B 101 14.16 -2.57 -18.32
N ASN B 102 14.45 -3.70 -18.96
CA ASN B 102 15.79 -4.18 -19.27
C ASN B 102 15.78 -4.59 -20.73
N GLU B 103 15.97 -3.60 -21.60
CA GLU B 103 15.90 -3.76 -23.04
C GLU B 103 17.13 -3.15 -23.71
N PRO B 104 17.51 -3.57 -24.94
CA PRO B 104 18.65 -2.93 -25.64
C PRO B 104 18.59 -1.39 -25.70
N GLU B 105 17.41 -0.87 -25.99
CA GLU B 105 17.08 0.54 -26.19
C GLU B 105 16.74 1.31 -24.88
N PHE B 106 16.33 0.59 -23.82
CA PHE B 106 15.88 1.27 -22.60
C PHE B 106 16.16 0.51 -21.32
N LEU B 107 16.60 1.26 -20.29
CA LEU B 107 16.87 0.73 -18.96
C LEU B 107 16.20 1.62 -17.91
N GLY B 108 15.38 1.01 -17.02
CA GLY B 108 14.63 1.74 -16.00
C GLY B 108 13.89 0.92 -14.96
N ILE B 109 13.56 1.57 -13.84
CA ILE B 109 12.84 1.00 -12.69
C ILE B 109 11.42 1.53 -12.74
N VAL B 110 10.45 0.61 -12.63
CA VAL B 110 9.02 0.95 -12.64
C VAL B 110 8.45 0.76 -11.24
N THR B 111 7.92 1.85 -10.67
CA THR B 111 7.29 1.80 -9.34
C THR B 111 5.88 2.36 -9.40
N GLU B 112 5.13 2.23 -8.28
CA GLU B 112 3.83 2.87 -8.09
C GLU B 112 4.03 4.40 -8.17
N TYR B 113 3.05 5.10 -8.74
CA TYR B 113 3.08 6.54 -8.87
C TYR B 113 2.54 7.19 -7.59
N MET B 114 3.33 8.12 -7.00
CA MET B 114 2.96 8.83 -5.75
C MET B 114 2.42 10.16 -6.16
N PRO B 115 1.10 10.35 -6.04
CA PRO B 115 0.51 11.58 -6.59
C PRO B 115 0.72 12.85 -5.77
N ASN B 116 1.11 12.76 -4.49
CA ASN B 116 1.18 13.99 -3.69
C ASN B 116 2.59 14.52 -3.38
N GLY B 117 3.52 14.30 -4.30
CA GLY B 117 4.89 14.80 -4.20
C GLY B 117 5.67 14.31 -3.00
N SER B 118 6.55 15.17 -2.49
CA SER B 118 7.42 14.85 -1.36
C SER B 118 7.10 15.71 -0.12
N LEU B 119 7.67 15.31 1.03
CA LEU B 119 7.51 15.99 2.30
C LEU B 119 8.02 17.42 2.21
N ASN B 120 9.12 17.62 1.49
CA ASN B 120 9.76 18.91 1.24
C ASN B 120 8.77 19.90 0.68
N GLU B 121 8.03 19.49 -0.36
CA GLU B 121 7.01 20.31 -1.04
C GLU B 121 5.79 20.57 -0.19
N LEU B 122 5.45 19.65 0.73
CA LEU B 122 4.31 19.84 1.62
C LEU B 122 4.71 20.84 2.69
N LEU B 123 5.90 20.64 3.29
CA LEU B 123 6.42 21.52 4.32
C LEU B 123 6.73 22.96 3.87
N HIS B 124 7.19 23.18 2.63
CA HIS B 124 7.67 24.50 2.24
C HIS B 124 6.87 25.21 1.15
N ARG B 125 5.83 24.59 0.57
CA ARG B 125 4.99 25.34 -0.38
C ARG B 125 3.82 25.87 0.48
N LYS B 126 4.07 26.96 1.21
CA LYS B 126 3.13 27.54 2.19
C LYS B 126 1.94 28.29 1.60
N THR B 127 1.97 28.64 0.32
CA THR B 127 0.80 29.30 -0.29
C THR B 127 -0.18 28.19 -0.65
N GLU B 128 0.34 27.14 -1.35
CA GLU B 128 -0.39 25.95 -1.76
C GLU B 128 -0.95 25.22 -0.52
N TYR B 129 -0.13 25.13 0.57
CA TYR B 129 -0.49 24.47 1.83
C TYR B 129 -0.40 25.38 3.08
N PRO B 130 -1.39 26.28 3.32
CA PRO B 130 -1.36 27.14 4.53
C PRO B 130 -1.26 26.38 5.85
N ASP B 131 -2.09 25.35 6.06
CA ASP B 131 -2.01 24.54 7.29
C ASP B 131 -1.69 23.10 6.97
N VAL B 132 -0.96 22.47 7.89
CA VAL B 132 -0.58 21.06 7.84
C VAL B 132 -0.78 20.64 9.31
N ALA B 133 -1.98 20.16 9.63
CA ALA B 133 -2.40 19.80 10.97
C ALA B 133 -1.46 18.85 11.69
N TRP B 134 -1.29 19.05 13.01
CA TRP B 134 -0.44 18.20 13.85
C TRP B 134 -0.69 16.72 13.67
N PRO B 135 -1.93 16.19 13.67
CA PRO B 135 -2.09 14.74 13.49
C PRO B 135 -1.37 14.23 12.24
N LEU B 136 -1.51 14.92 11.09
CA LEU B 136 -0.85 14.50 9.83
C LEU B 136 0.67 14.52 9.94
N ARG B 137 1.20 15.62 10.52
CA ARG B 137 2.63 15.79 10.77
C ARG B 137 3.21 14.64 11.62
N PHE B 138 2.54 14.27 12.70
CA PHE B 138 3.00 13.19 13.59
C PHE B 138 2.86 11.84 12.97
N ARG B 139 1.83 11.68 12.12
CA ARG B 139 1.62 10.41 11.41
C ARG B 139 2.75 10.24 10.39
N ILE B 140 3.13 11.34 9.65
CA ILE B 140 4.24 11.32 8.69
C ILE B 140 5.54 10.90 9.41
N LEU B 141 5.82 11.50 10.58
CA LEU B 141 6.98 11.17 11.42
C LEU B 141 6.95 9.73 11.88
N HIS B 142 5.79 9.25 12.31
CA HIS B 142 5.64 7.86 12.78
C HIS B 142 5.88 6.86 11.66
N GLU B 143 5.39 7.19 10.44
CA GLU B 143 5.54 6.35 9.25
C GLU B 143 6.96 6.38 8.66
N ILE B 144 7.68 7.53 8.75
CA ILE B 144 9.10 7.60 8.34
C ILE B 144 9.89 6.63 9.23
N ALA B 145 9.69 6.70 10.57
CA ALA B 145 10.35 5.82 11.55
C ALA B 145 10.02 4.35 11.36
N LEU B 146 8.75 4.02 11.04
CA LEU B 146 8.32 2.64 10.76
C LEU B 146 9.02 2.09 9.54
N GLY B 147 9.22 2.94 8.54
CA GLY B 147 9.89 2.54 7.31
C GLY B 147 11.38 2.36 7.48
N VAL B 148 12.05 3.38 8.06
CA VAL B 148 13.50 3.28 8.29
C VAL B 148 13.78 2.08 9.24
N ASN B 149 12.97 1.96 10.31
CA ASN B 149 13.10 0.84 11.23
C ASN B 149 13.06 -0.50 10.50
N TYR B 150 12.11 -0.70 9.56
CA TYR B 150 12.02 -1.96 8.81
C TYR B 150 13.28 -2.29 8.02
N LEU B 151 13.86 -1.28 7.33
CA LEU B 151 15.10 -1.46 6.55
C LEU B 151 16.23 -1.94 7.48
N HIS B 152 16.37 -1.26 8.64
CA HIS B 152 17.35 -1.58 9.68
C HIS B 152 17.18 -2.97 10.31
N ASN B 153 16.02 -3.63 10.10
CA ASN B 153 15.72 -4.97 10.64
C ASN B 153 15.85 -6.11 9.61
N MET B 154 16.26 -5.80 8.38
CA MET B 154 16.45 -6.81 7.32
C MET B 154 17.71 -7.66 7.55
N THR B 155 17.88 -8.74 6.79
CA THR B 155 19.03 -9.62 6.95
C THR B 155 19.82 -9.67 5.62
N PRO B 156 20.92 -8.91 5.50
CA PRO B 156 21.52 -8.02 6.51
C PRO B 156 20.83 -6.66 6.57
N PRO B 157 21.01 -5.87 7.65
CA PRO B 157 20.33 -4.55 7.70
C PRO B 157 20.64 -3.68 6.49
N LEU B 158 19.60 -2.95 6.04
CA LEU B 158 19.65 -2.03 4.90
C LEU B 158 19.66 -0.62 5.47
N LEU B 159 20.64 0.19 5.05
CA LEU B 159 20.83 1.56 5.54
C LEU B 159 20.67 2.57 4.41
N HIS B 160 19.81 3.58 4.61
CA HIS B 160 19.50 4.56 3.57
C HIS B 160 20.71 5.40 3.22
N HIS B 161 21.18 6.18 4.21
CA HIS B 161 22.34 7.07 4.22
C HIS B 161 22.20 8.29 3.34
N ASP B 162 21.00 8.62 2.88
CA ASP B 162 20.71 9.87 2.18
C ASP B 162 19.25 10.29 2.45
N LEU B 163 18.80 10.06 3.72
CA LEU B 163 17.48 10.40 4.20
C LEU B 163 17.34 11.91 4.18
N LYS B 164 16.34 12.40 3.46
CA LYS B 164 16.02 13.81 3.28
C LYS B 164 14.53 13.91 2.98
N THR B 165 13.95 15.13 3.12
CA THR B 165 12.53 15.40 2.90
C THR B 165 12.09 15.12 1.46
N GLN B 166 13.03 15.21 0.49
CA GLN B 166 12.81 14.98 -0.94
C GLN B 166 12.57 13.49 -1.23
N ASN B 167 13.11 12.63 -0.37
CA ASN B 167 13.04 11.19 -0.47
C ASN B 167 11.85 10.59 0.32
N ILE B 168 10.96 11.44 0.87
CA ILE B 168 9.77 10.99 1.60
C ILE B 168 8.57 11.29 0.72
N LEU B 169 8.13 10.28 -0.04
CA LEU B 169 7.01 10.46 -0.97
C LEU B 169 5.70 10.24 -0.24
N LEU B 170 4.66 10.91 -0.75
CA LEU B 170 3.33 10.90 -0.17
C LEU B 170 2.31 10.39 -1.17
N ASP B 171 1.57 9.37 -0.75
CA ASP B 171 0.51 8.76 -1.57
C ASP B 171 -0.79 9.63 -1.58
N ASN B 172 -1.86 9.09 -2.19
CA ASN B 172 -3.16 9.73 -2.32
C ASN B 172 -3.79 10.19 -1.00
N GLU B 173 -3.52 9.48 0.10
CA GLU B 173 -4.08 9.82 1.41
C GLU B 173 -3.03 10.39 2.34
N PHE B 174 -1.90 10.82 1.73
CA PHE B 174 -0.75 11.42 2.37
C PHE B 174 -0.07 10.51 3.35
N HIS B 175 0.01 9.22 3.02
CA HIS B 175 0.80 8.24 3.76
C HIS B 175 2.21 8.22 3.12
N VAL B 176 3.20 7.86 3.91
CA VAL B 176 4.61 7.89 3.53
C VAL B 176 5.05 6.67 2.79
N LYS B 177 5.89 6.90 1.76
CA LYS B 177 6.63 5.85 1.02
C LYS B 177 8.05 6.38 0.93
N ILE B 178 9.01 5.71 1.59
CA ILE B 178 10.41 6.10 1.54
C ILE B 178 10.99 5.69 0.18
N ALA B 179 11.61 6.66 -0.52
CA ALA B 179 12.25 6.50 -1.82
C ALA B 179 13.71 6.89 -1.72
N ASP B 180 14.41 6.78 -2.85
CA ASP B 180 15.79 7.18 -3.01
C ASP B 180 15.98 7.64 -4.45
N PHE B 181 15.89 8.97 -4.67
CA PHE B 181 16.02 9.58 -5.99
C PHE B 181 17.42 9.47 -6.63
N GLY B 182 18.44 9.15 -5.83
CA GLY B 182 19.82 9.04 -6.28
C GLY B 182 20.37 10.31 -6.90
N GLY B 204 23.56 17.59 -3.73
CA GLY B 204 22.45 17.86 -2.82
C GLY B 204 22.85 18.43 -1.47
N THR B 205 21.86 18.60 -0.56
CA THR B 205 22.04 19.17 0.79
C THR B 205 22.85 18.33 1.73
N ILE B 206 23.59 18.98 2.62
CA ILE B 206 24.40 18.30 3.63
C ILE B 206 23.71 18.38 5.01
N ILE B 207 22.60 19.16 5.10
CA ILE B 207 21.86 19.43 6.34
C ILE B 207 21.34 18.18 7.08
N TYR B 208 21.24 17.01 6.43
CA TYR B 208 20.78 15.80 7.11
C TYR B 208 21.93 14.85 7.36
N MET B 209 23.17 15.29 7.11
CA MET B 209 24.35 14.45 7.26
C MET B 209 25.01 14.53 8.63
N PRO B 210 25.23 13.40 9.34
CA PRO B 210 25.97 13.46 10.62
C PRO B 210 27.37 14.06 10.41
N PRO B 211 27.94 14.81 11.40
CA PRO B 211 29.25 15.46 11.19
C PRO B 211 30.42 14.50 10.92
N GLU B 212 30.36 13.30 11.48
CA GLU B 212 31.40 12.29 11.30
C GLU B 212 31.37 11.64 9.91
N ASN B 213 30.43 12.08 9.03
CA ASN B 213 30.31 11.54 7.68
C ASN B 213 30.92 12.50 6.64
N TYR B 214 31.34 13.69 7.11
CA TYR B 214 31.94 14.76 6.31
C TYR B 214 33.21 14.33 5.53
N GLU B 215 34.07 13.54 6.18
CA GLU B 215 35.30 12.93 5.64
C GLU B 215 35.03 11.41 5.70
N PRO B 216 34.40 10.85 4.64
CA PRO B 216 33.97 9.45 4.70
C PRO B 216 35.06 8.39 4.64
N GLY B 217 34.76 7.26 5.31
CA GLY B 217 35.61 6.07 5.42
C GLY B 217 34.82 4.79 5.57
N GLN B 218 35.54 3.64 5.61
CA GLN B 218 34.98 2.28 5.76
C GLN B 218 34.13 2.06 7.04
N LYS B 219 34.27 2.96 8.05
CA LYS B 219 33.52 2.95 9.31
C LYS B 219 32.29 3.87 9.24
N SER B 220 32.44 5.04 8.56
CA SER B 220 31.39 6.05 8.38
C SER B 220 30.28 5.57 7.44
N ARG B 221 30.63 4.73 6.44
CA ARG B 221 29.70 4.15 5.47
C ARG B 221 29.00 2.92 6.07
N ALA B 222 29.58 2.36 7.16
CA ALA B 222 29.04 1.20 7.87
C ALA B 222 28.30 1.66 9.17
N SER B 223 28.20 3.00 9.38
CA SER B 223 27.53 3.63 10.52
C SER B 223 26.05 3.27 10.54
N ILE B 224 25.56 2.87 11.70
CA ILE B 224 24.16 2.49 11.90
C ILE B 224 23.45 3.65 12.64
N LYS B 225 24.20 4.74 12.88
CA LYS B 225 23.67 5.93 13.55
C LYS B 225 23.71 7.16 12.63
N HIS B 226 23.68 6.94 11.29
CA HIS B 226 23.63 8.03 10.29
C HIS B 226 22.14 8.43 10.09
N ASP B 227 21.26 7.42 9.76
CA ASP B 227 19.83 7.67 9.47
C ASP B 227 19.10 8.42 10.58
N ILE B 228 19.40 8.07 11.85
CA ILE B 228 18.77 8.69 13.01
C ILE B 228 19.13 10.19 13.08
N TYR B 229 20.35 10.59 12.63
CA TYR B 229 20.74 12.01 12.60
C TYR B 229 19.86 12.76 11.62
N SER B 230 19.66 12.16 10.41
CA SER B 230 18.84 12.72 9.32
C SER B 230 17.40 12.81 9.77
N TYR B 231 16.95 11.77 10.50
CA TYR B 231 15.60 11.69 11.05
C TYR B 231 15.35 12.79 12.03
N ALA B 232 16.30 13.06 12.92
CA ALA B 232 16.24 14.17 13.89
C ALA B 232 16.03 15.52 13.20
N VAL B 233 16.80 15.81 12.10
CA VAL B 233 16.66 17.07 11.34
C VAL B 233 15.30 17.11 10.65
N ILE B 234 14.86 15.95 10.06
CA ILE B 234 13.54 15.83 9.42
C ILE B 234 12.49 16.16 10.47
N THR B 235 12.55 15.48 11.65
CA THR B 235 11.65 15.69 12.81
C THR B 235 11.56 17.15 13.15
N TRP B 236 12.70 17.87 13.22
CA TRP B 236 12.77 19.30 13.50
C TRP B 236 12.12 20.12 12.41
N GLU B 237 12.40 19.79 11.14
CA GLU B 237 11.88 20.53 9.98
C GLU B 237 10.37 20.37 9.83
N VAL B 238 9.83 19.18 10.23
CA VAL B 238 8.40 18.87 10.16
C VAL B 238 7.67 19.73 11.19
N LEU B 239 8.18 19.75 12.46
CA LEU B 239 7.58 20.52 13.57
C LEU B 239 7.74 22.03 13.42
N SER B 240 8.68 22.48 12.58
CA SER B 240 8.93 23.90 12.40
C SER B 240 8.43 24.51 11.12
N ARG B 241 8.43 23.73 10.00
CA ARG B 241 8.11 24.19 8.63
C ARG B 241 9.17 25.26 8.22
N LYS B 242 10.38 25.14 8.80
CA LYS B 242 11.50 26.05 8.55
C LYS B 242 12.63 25.32 7.83
N GLN B 243 13.30 26.01 6.88
CA GLN B 243 14.47 25.46 6.22
C GLN B 243 15.62 25.41 7.24
N PRO B 244 16.15 24.21 7.64
CA PRO B 244 17.24 24.18 8.64
C PRO B 244 18.46 25.00 8.24
N PHE B 245 18.97 25.84 9.18
CA PHE B 245 20.12 26.75 8.99
C PHE B 245 19.84 27.79 7.89
N GLU B 246 18.60 28.31 7.85
CA GLU B 246 18.14 29.30 6.87
C GLU B 246 19.01 30.55 6.84
N ASP B 247 19.41 31.05 8.03
CA ASP B 247 20.21 32.25 8.20
C ASP B 247 21.64 32.11 7.65
N VAL B 248 22.22 30.89 7.70
CA VAL B 248 23.55 30.60 7.16
C VAL B 248 23.58 30.86 5.63
N THR B 249 24.74 31.30 5.13
CA THR B 249 25.00 31.68 3.75
C THR B 249 25.53 30.52 2.91
N ASN B 250 26.59 29.87 3.38
CA ASN B 250 27.23 28.79 2.65
C ASN B 250 27.03 27.44 3.29
N PRO B 251 26.73 26.41 2.45
CA PRO B 251 26.65 25.04 2.98
C PRO B 251 27.93 24.63 3.66
N LEU B 252 29.05 25.26 3.23
CA LEU B 252 30.38 25.02 3.81
C LEU B 252 30.42 25.56 5.23
N GLN B 253 29.86 26.77 5.44
CA GLN B 253 29.74 27.33 6.78
C GLN B 253 28.81 26.46 7.67
N ILE B 254 27.70 25.90 7.07
CA ILE B 254 26.82 24.96 7.79
C ILE B 254 27.66 23.81 8.31
N MET B 255 28.50 23.20 7.45
CA MET B 255 29.39 22.07 7.82
C MET B 255 30.31 22.46 8.97
N TYR B 256 30.89 23.69 8.90
CA TYR B 256 31.78 24.20 9.99
C TYR B 256 31.03 24.26 11.29
N SER B 257 29.88 25.01 11.28
CA SER B 257 28.95 25.16 12.40
C SER B 257 28.57 23.80 12.99
N VAL B 258 28.06 22.87 12.14
CA VAL B 258 27.64 21.53 12.55
C VAL B 258 28.76 20.77 13.25
N SER B 259 29.99 20.76 12.68
CA SER B 259 31.15 20.03 13.24
C SER B 259 31.59 20.56 14.62
N GLN B 260 31.38 21.89 14.86
CA GLN B 260 31.62 22.53 16.15
C GLN B 260 30.61 21.95 17.19
N GLY B 261 29.35 21.78 16.75
CA GLY B 261 28.28 21.19 17.54
C GLY B 261 26.95 21.92 17.48
N ARG B 263 23.35 23.04 15.88
CA ARG B 263 22.23 22.40 15.20
C ARG B 263 21.21 23.45 14.85
N PRO B 264 20.11 23.19 14.06
CA PRO B 264 19.11 24.25 13.86
C PRO B 264 18.44 24.58 15.20
N VAL B 265 18.10 25.85 15.37
CA VAL B 265 17.58 26.47 16.60
C VAL B 265 16.33 25.80 17.20
N ILE B 266 16.40 25.46 18.50
CA ILE B 266 15.30 24.94 19.29
C ILE B 266 14.89 26.05 20.29
N ASN B 267 13.94 26.88 19.87
CA ASN B 267 13.42 27.99 20.67
C ASN B 267 11.89 28.11 20.46
N GLU B 268 11.26 29.19 20.98
CA GLU B 268 9.83 29.47 20.86
C GLU B 268 9.52 29.96 19.43
N GLU B 269 10.51 30.61 18.78
CA GLU B 269 10.41 31.15 17.43
C GLU B 269 10.23 30.00 16.39
N SER B 270 11.14 29.01 16.44
CA SER B 270 11.12 27.88 15.54
C SER B 270 10.07 26.85 15.97
N LEU B 271 10.12 26.42 17.26
CA LEU B 271 9.21 25.43 17.83
C LEU B 271 8.28 26.02 18.95
N PRO B 272 7.10 26.62 18.57
CA PRO B 272 6.18 27.18 19.58
C PRO B 272 5.74 26.22 20.68
N TYR B 273 5.31 26.77 21.84
CA TYR B 273 4.90 25.99 23.01
C TYR B 273 3.61 25.17 22.81
N ASP B 274 2.79 25.54 21.79
CA ASP B 274 1.54 24.84 21.45
C ASP B 274 1.75 23.54 20.61
N ILE B 275 3.03 23.13 20.39
CA ILE B 275 3.33 21.90 19.64
C ILE B 275 2.97 20.72 20.53
N PRO B 276 2.02 19.86 20.10
CA PRO B 276 1.66 18.68 20.91
C PRO B 276 2.90 17.90 21.32
N HIS B 277 2.99 17.55 22.60
CA HIS B 277 4.06 16.72 23.18
C HIS B 277 5.50 17.29 22.97
N ARG B 278 5.60 18.63 22.77
CA ARG B 278 6.81 19.45 22.55
C ARG B 278 8.05 18.94 23.27
N ALA B 279 7.99 18.86 24.61
CA ALA B 279 9.06 18.35 25.45
C ALA B 279 9.60 16.99 24.99
N ARG B 280 8.73 15.98 24.78
CA ARG B 280 9.15 14.63 24.37
C ARG B 280 9.75 14.62 22.97
N MET B 281 9.21 15.50 22.10
CA MET B 281 9.66 15.65 20.73
C MET B 281 11.07 16.21 20.72
N ILE B 282 11.27 17.38 21.39
CA ILE B 282 12.56 18.09 21.52
C ILE B 282 13.59 17.14 22.11
N SER B 283 13.22 16.40 23.15
CA SER B 283 14.09 15.40 23.73
C SER B 283 14.53 14.36 22.68
N LEU B 284 13.63 13.97 21.74
CA LEU B 284 13.93 12.99 20.69
C LEU B 284 14.84 13.61 19.61
N ILE B 285 14.55 14.87 19.19
CA ILE B 285 15.35 15.60 18.21
C ILE B 285 16.79 15.67 18.76
N GLU B 286 17.00 16.40 19.90
CA GLU B 286 18.28 16.56 20.59
C GLU B 286 19.02 15.26 20.74
N SER B 287 18.31 14.17 21.08
CA SER B 287 18.90 12.85 21.24
C SER B 287 19.40 12.20 19.94
N GLY B 288 18.68 12.46 18.84
CA GLY B 288 18.93 11.89 17.52
C GLY B 288 20.08 12.58 16.81
N TRP B 289 20.16 13.92 16.96
CA TRP B 289 21.24 14.69 16.34
C TRP B 289 22.44 14.93 17.33
N ALA B 290 22.64 14.02 18.31
CA ALA B 290 23.71 14.11 19.31
C ALA B 290 25.04 13.80 18.68
N GLN B 291 26.03 14.76 18.78
CA GLN B 291 27.39 14.63 18.22
C GLN B 291 28.03 13.26 18.48
N ASN B 292 27.76 12.64 19.64
CA ASN B 292 28.30 11.31 19.87
C ASN B 292 27.42 10.24 19.18
N PRO B 293 27.90 9.58 18.10
CA PRO B 293 27.09 8.52 17.46
C PRO B 293 26.54 7.45 18.42
N ASP B 294 27.23 7.23 19.54
CA ASP B 294 26.85 6.24 20.56
C ASP B 294 25.73 6.77 21.49
N GLU B 295 25.58 8.12 21.55
CA GLU B 295 24.54 8.83 22.30
C GLU B 295 23.25 9.01 21.44
N ARG B 296 23.11 8.18 20.38
CA ARG B 296 21.99 8.20 19.43
C ARG B 296 21.06 7.00 19.60
N PRO B 297 19.71 7.20 19.56
CA PRO B 297 18.79 6.07 19.75
C PRO B 297 18.58 5.25 18.50
N SER B 298 18.03 4.04 18.69
CA SER B 298 17.62 3.18 17.59
C SER B 298 16.26 3.71 17.12
N PHE B 299 15.78 3.25 15.94
CA PHE B 299 14.49 3.68 15.43
C PHE B 299 13.39 3.01 16.28
N LEU B 300 13.65 1.77 16.75
CA LEU B 300 12.77 0.99 17.63
C LEU B 300 12.48 1.76 18.94
N LYS B 301 13.51 2.41 19.52
CA LYS B 301 13.39 3.20 20.74
C LYS B 301 12.53 4.44 20.48
N CYS B 302 12.66 5.07 19.31
CA CYS B 302 11.86 6.25 18.92
C CYS B 302 10.42 5.87 18.73
N LEU B 303 10.21 4.67 18.15
CA LEU B 303 8.88 4.15 17.84
C LEU B 303 8.11 3.92 19.12
N ILE B 304 8.78 3.32 20.11
CA ILE B 304 8.25 3.05 21.43
C ILE B 304 7.88 4.38 22.12
N GLU B 305 8.64 5.46 21.90
CA GLU B 305 8.28 6.78 22.44
C GLU B 305 7.16 7.42 21.61
N LEU B 306 7.08 7.12 20.28
CA LEU B 306 6.08 7.70 19.37
C LEU B 306 4.70 7.09 19.47
N GLU B 307 4.63 5.75 19.64
CA GLU B 307 3.40 4.96 19.78
C GLU B 307 2.35 5.63 20.73
N PRO B 308 2.68 6.03 22.00
CA PRO B 308 1.69 6.73 22.83
C PRO B 308 1.30 8.12 22.33
N VAL B 309 2.20 8.85 21.66
CA VAL B 309 1.92 10.20 21.13
C VAL B 309 0.78 10.14 20.06
N LEU B 310 0.89 9.18 19.14
CA LEU B 310 -0.04 8.97 18.01
C LEU B 310 -1.43 8.56 18.48
N ARG B 311 -1.49 7.91 19.66
CA ARG B 311 -2.74 7.49 20.28
C ARG B 311 -3.52 8.65 20.88
N THR B 312 -2.88 9.82 21.07
CA THR B 312 -3.55 11.00 21.61
C THR B 312 -4.31 11.74 20.53
N PHE B 313 -4.26 11.25 19.28
CA PHE B 313 -4.95 11.89 18.15
C PHE B 313 -6.10 11.00 17.72
N GLU B 314 -7.28 11.60 17.56
CA GLU B 314 -8.45 10.84 17.13
C GLU B 314 -8.32 10.59 15.65
N GLU B 315 -8.70 9.38 15.23
CA GLU B 315 -8.64 8.90 13.85
C GLU B 315 -9.20 9.85 12.84
N ILE B 316 -10.31 10.53 13.18
CA ILE B 316 -11.04 11.47 12.32
C ILE B 316 -10.15 12.62 11.89
N THR B 317 -9.31 13.12 12.81
CA THR B 317 -8.45 14.28 12.62
C THR B 317 -7.46 14.09 11.48
N PHE B 318 -6.96 12.84 11.25
CA PHE B 318 -6.07 12.54 10.10
C PHE B 318 -6.82 12.74 8.80
N LEU B 319 -8.08 12.28 8.71
CA LEU B 319 -8.90 12.46 7.51
C LEU B 319 -9.22 13.93 7.26
N GLU B 320 -9.45 14.70 8.35
CA GLU B 320 -9.72 16.14 8.27
C GLU B 320 -8.48 16.90 7.82
N ALA B 321 -7.27 16.45 8.26
CA ALA B 321 -6.01 17.09 7.88
C ALA B 321 -5.83 17.02 6.36
N VAL B 322 -6.08 15.82 5.76
CA VAL B 322 -5.98 15.53 4.32
C VAL B 322 -7.04 16.28 3.49
N ILE B 323 -8.32 16.30 3.92
CA ILE B 323 -9.38 17.05 3.23
C ILE B 323 -8.98 18.53 3.18
N GLN B 324 -8.40 19.05 4.28
CA GLN B 324 -7.89 20.43 4.37
C GLN B 324 -6.80 20.76 3.32
N LEU B 325 -6.00 19.76 2.93
CA LEU B 325 -4.96 19.95 1.92
C LEU B 325 -5.47 19.97 0.47
N LYS B 326 -6.70 19.47 0.20
CA LYS B 326 -7.25 19.36 -1.16
C LYS B 326 -7.91 20.64 -1.63
#